data_8CF2
#
_entry.id   8CF2
#
loop_
_entity.id
_entity.type
_entity.pdbx_description
1 polymer "RNA (5'-R(P*AP*UP*AP*CP*(PSU)P*(PSU)P*AP*CP*CP*UP*G)-3')"
2 polymer "RNA (5'-R(P*GP*GP*AP*GP*UP*AP*AP*GP*UP*CP*U)-3')"
3 non-polymer 4-[(3~{S})-3-ethylpiperazin-1-yl]-2-fluoranyl-~{N}-(2-methylimidazo[1,2-a]pyrazin-6-yl)benzamide
#
loop_
_entity_poly.entity_id
_entity_poly.type
_entity_poly.pdbx_seq_one_letter_code
_entity_poly.pdbx_strand_id
1 'polyribonucleotide' AUAC(PSU)(PSU)ACCUG A
2 'polyribonucleotide' GGAGUAAGUCU B
#
loop_
_chem_comp.id
_chem_comp.type
_chem_comp.name
_chem_comp.formula
A RNA linking ADENOSINE-5'-MONOPHOSPHATE 'C10 H14 N5 O7 P'
C RNA linking CYTIDINE-5'-MONOPHOSPHATE 'C9 H14 N3 O8 P'
G RNA linking GUANOSINE-5'-MONOPHOSPHATE 'C10 H14 N5 O8 P'
PSU RNA linking PSEUDOURIDINE-5'-MONOPHOSPHATE 'C9 H13 N2 O9 P'
U RNA linking URIDINE-5'-MONOPHOSPHATE 'C9 H13 N2 O9 P'
ULR non-polymer 4-[(3~{S})-3-ethylpiperazin-1-yl]-2-fluoranyl-~{N}-(2-methylimidazo[1,2-a]pyrazin-6-yl)benzamide 'C20 H23 F N6 O'
#
# COMPACT_ATOMS: atom_id res chain seq x y z
N1 PSU A 5 1.70 -5.71 -0.16
C2 PSU A 5 0.87 -6.32 0.77
N3 PSU A 5 -0.22 -6.93 0.23
C4 PSU A 5 -0.57 -6.98 -1.09
C5 PSU A 5 0.33 -6.28 -2.02
C6 PSU A 5 1.44 -5.67 -1.51
O2 PSU A 5 1.02 -6.22 1.98
O4 PSU A 5 -1.61 -7.55 -1.39
C1' PSU A 5 -0.10 -6.12 -3.47
C2' PSU A 5 -0.78 -4.76 -3.65
O2' PSU A 5 -2.07 -4.94 -4.24
C3' PSU A 5 0.21 -3.94 -4.50
C4' PSU A 5 0.92 -5.06 -5.27
O3' PSU A 5 -0.47 -3.00 -5.40
O4' PSU A 5 1.06 -6.15 -4.32
C5' PSU A 5 2.30 -4.61 -5.74
O5' PSU A 5 3.16 -4.34 -4.59
P PSU A 5 4.71 -3.96 -4.73
OP1 PSU A 5 4.91 -3.19 -5.98
OP2 PSU A 5 5.14 -3.36 -3.44
HN1 PSU A 5 2.47 -5.21 0.25
HN3 PSU A 5 -0.87 -7.33 0.88
H6 PSU A 5 2.11 -5.09 -2.12
H1' PSU A 5 -0.76 -6.92 -3.75
H2' PSU A 5 -0.96 -4.27 -2.70
HO2' PSU A 5 -2.44 -4.06 -4.42
H3' PSU A 5 0.90 -3.42 -3.86
H4' PSU A 5 0.31 -5.40 -6.08
H5' PSU A 5 2.21 -3.72 -6.32
H5'' PSU A 5 2.76 -5.41 -6.30
N1 PSU A 6 -1.65 -2.98 0.05
C2 PSU A 6 -1.82 -3.50 1.32
N3 PSU A 6 -3.07 -4.01 1.54
C4 PSU A 6 -4.13 -4.03 0.67
C5 PSU A 6 -3.86 -3.52 -0.69
C6 PSU A 6 -2.63 -3.01 -0.93
O2 PSU A 6 -0.96 -3.43 2.19
O4 PSU A 6 -5.21 -4.43 1.09
C1' PSU A 6 -4.98 -3.56 -1.73
C2' PSU A 6 -5.78 -2.25 -1.74
O2' PSU A 6 -7.16 -2.51 -2.05
C3' PSU A 6 -5.05 -1.45 -2.84
C4' PSU A 6 -4.83 -2.56 -3.87
O3' PSU A 6 -5.85 -0.36 -3.34
O4' PSU A 6 -4.45 -3.72 -3.07
C5' PSU A 6 -3.73 -2.16 -4.87
O5' PSU A 6 -2.46 -2.07 -4.18
P PSU A 6 -1.10 -1.64 -4.88
OP1 PSU A 6 -1.40 -0.76 -6.04
OP2 PSU A 6 -0.26 -1.06 -3.82
HN1 PSU A 6 -0.74 -2.58 -0.14
HN3 PSU A 6 -3.23 -4.36 2.47
H6 PSU A 6 -2.35 -2.58 -1.87
H1' PSU A 6 -5.62 -4.41 -1.51
H2' PSU A 6 -5.77 -1.75 -0.80
HO2' PSU A 6 -7.23 -3.23 -2.70
H3' PSU A 6 -4.11 -1.08 -2.47
H4' PSU A 6 -5.75 -2.77 -4.40
H5' PSU A 6 -3.97 -1.20 -5.30
H5'' PSU A 6 -3.64 -2.92 -5.63
C1 ULR C . -2.21 6.38 0.39
N2 ULR C . -2.52 5.64 1.65
C3 ULR C . -3.43 6.48 2.48
C4 ULR C . -2.79 7.87 2.79
N5 ULR C . -2.27 8.57 1.58
C6 ULR C . -1.46 7.73 0.68
C7 ULR C . 0.93 3.77 3.13
C8 ULR C . 0.41 3.40 1.87
C10 ULR C . -0.80 3.96 1.43
C11 ULR C . -1.51 4.87 2.22
C12 ULR C . -1.06 5.11 3.54
C13 ULR C . 0.17 4.60 3.97
C14 ULR C . -0.02 7.56 1.25
C15 ULR C . 0.94 6.68 0.42
C16 ULR C . 2.28 3.38 3.61
O17 ULR C . 2.92 4.12 4.32
N18 ULR C . 2.77 2.15 3.26
C19 ULR C . 3.96 1.60 3.73
N20 ULR C . 4.69 0.98 2.77
C21 ULR C . 5.87 0.42 3.14
C22 ULR C . 6.27 0.45 4.48
N23 ULR C . 5.51 1.07 5.42
C24 ULR C . 4.33 1.68 5.08
C25 ULR C . 6.14 1.12 6.64
C26 ULR C . 7.33 0.45 6.43
N27 ULR C . 7.42 0.03 5.11
C28 ULR C . 8.36 0.24 7.51
F9 ULR C . 1.10 2.62 1.03
H1A ULR C . -3.16 6.63 -0.12
H1B ULR C . -1.65 5.77 -0.32
H3A ULR C . -3.67 5.96 3.42
H3B ULR C . -4.37 6.63 1.94
H4A ULR C . -1.96 7.74 3.51
H4B ULR C . -3.52 8.51 3.27
H6 ULR C . -1.36 8.26 -0.28
H10 ULR C . -1.14 3.73 0.43
H12 ULR C . -1.59 5.77 4.20
H13 ULR C . 0.56 4.88 4.95
H14A ULR C . 0.43 8.56 1.35
H14B ULR C . -0.07 7.17 2.27
H15A ULR C . 1.37 7.26 -0.40
H15C ULR C . 0.46 5.80 -0.01
H15B ULR C . 1.77 6.32 1.05
H18 ULR C . 2.25 1.58 2.61
H21 ULR C . 6.46 -0.03 2.35
H24 ULR C . 3.76 2.22 5.83
H25 ULR C . 5.72 1.60 7.52
H28B ULR C . 9.17 -0.40 7.15
H28A ULR C . 7.93 -0.21 8.40
H28C ULR C . 8.80 1.21 7.79
H5 ULR C . -1.71 9.38 1.90
H27 ULR C . 8.19 -0.50 4.69
N1 PSU A 5 1.64 -5.56 -0.55
C2 PSU A 5 0.71 -6.09 0.31
N3 PSU A 5 -0.44 -6.56 -0.30
C4 PSU A 5 -0.68 -6.57 -1.66
C5 PSU A 5 0.36 -5.97 -2.52
C6 PSU A 5 1.44 -5.45 -1.92
O2 PSU A 5 0.86 -6.10 1.53
O4 PSU A 5 -1.76 -7.02 -2.05
C1' PSU A 5 0.09 -5.90 -4.03
C2' PSU A 5 -0.63 -4.61 -4.40
O2' PSU A 5 -1.51 -4.84 -5.51
C3' PSU A 5 0.53 -3.66 -4.78
C4' PSU A 5 1.42 -4.66 -5.52
O3' PSU A 5 0.07 -2.62 -5.68
O4' PSU A 5 1.33 -5.91 -4.79
C5' PSU A 5 2.87 -4.15 -5.59
O5' PSU A 5 3.53 -4.34 -4.32
P PSU A 5 5.10 -4.19 -4.13
OP1 PSU A 5 5.64 -3.42 -5.28
OP2 PSU A 5 5.35 -3.74 -2.74
HN1 PSU A 5 2.49 -5.25 -0.13
HN3 PSU A 5 -1.15 -6.95 0.27
H6 PSU A 5 2.22 -4.94 -2.44
H1' PSU A 5 -0.49 -6.76 -4.31
H2' PSU A 5 -1.22 -4.22 -3.60
HO2' PSU A 5 -1.64 -3.97 -5.92
H3' PSU A 5 1.01 -3.25 -3.91
H4' PSU A 5 1.04 -4.80 -6.51
H5' PSU A 5 2.90 -3.11 -5.84
H5'' PSU A 5 3.40 -4.76 -6.32
N1 PSU A 6 -1.26 -2.98 -0.15
C2 PSU A 6 -1.59 -3.44 1.10
N3 PSU A 6 -2.88 -3.90 1.22
C4 PSU A 6 -3.84 -3.91 0.23
C5 PSU A 6 -3.40 -3.45 -1.09
C6 PSU A 6 -2.14 -2.97 -1.23
O2 PSU A 6 -0.82 -3.41 2.06
O4 PSU A 6 -4.99 -4.21 0.54
C1' PSU A 6 -4.42 -3.49 -2.23
C2' PSU A 6 -5.31 -2.24 -2.25
O2' PSU A 6 -6.62 -2.60 -2.71
C3' PSU A 6 -4.56 -1.36 -3.25
C4' PSU A 6 -4.19 -2.41 -4.29
O3' PSU A 6 -5.41 -0.35 -3.82
O4' PSU A 6 -3.73 -3.55 -3.52
C5' PSU A 6 -3.11 -1.86 -5.22
O5' PSU A 6 -1.88 -1.69 -4.47
P PSU A 6 -0.53 -1.25 -5.14
OP1 PSU A 6 -0.85 -0.34 -6.27
OP2 PSU A 6 0.33 -0.72 -4.05
HN1 PSU A 6 -0.31 -2.64 -0.23
HN3 PSU A 6 -3.16 -4.19 2.13
H6 PSU A 6 -1.74 -2.57 -2.14
H1' PSU A 6 -5.02 -4.38 -2.13
H2' PSU A 6 -5.41 -1.79 -1.28
HO2' PSU A 6 -7.30 -2.15 -2.19
H3' PSU A 6 -3.67 -0.92 -2.80
H4' PSU A 6 -5.06 -2.71 -4.85
H5' PSU A 6 -3.41 -0.91 -5.62
H5'' PSU A 6 -2.93 -2.57 -6.00
C1 ULR C . -2.55 6.52 0.63
N2 ULR C . -2.86 5.72 1.84
C3 ULR C . -3.97 6.38 2.57
C4 ULR C . -3.59 7.84 2.97
N5 ULR C . -3.02 8.65 1.85
C6 ULR C . -2.02 7.95 1.00
C7 ULR C . 0.62 4.20 3.66
C8 ULR C . 0.26 3.80 2.36
C10 ULR C . -0.94 4.25 1.79
C11 ULR C . -1.82 5.07 2.51
C12 ULR C . -1.53 5.34 3.86
C13 ULR C . -0.31 4.95 4.41
C14 ULR C . -0.61 7.97 1.68
C15 ULR C . 0.51 7.26 0.88
C16 ULR C . 1.95 3.94 4.24
O17 ULR C . 2.50 4.79 4.92
N18 ULR C . 2.53 2.72 4.03
C19 ULR C . 3.74 2.31 4.57
N20 ULR C . 4.59 1.76 3.68
C21 ULR C . 5.79 1.33 4.14
C22 ULR C . 6.12 1.47 5.48
N23 ULR C . 5.26 2.05 6.35
C24 ULR C . 4.02 2.47 5.94
C25 ULR C . 5.76 2.11 7.63
C26 ULR C . 7.02 1.55 7.52
N27 ULR C . 7.25 1.15 6.21
C28 ULR C . 7.96 1.36 8.68
F9 ULR C . 1.10 3.08 1.60
H1A ULR C . -3.46 6.65 0.04
H1B ULR C . -1.84 6.01 -0.03
H3A ULR C . -4.24 5.80 3.45
H3B ULR C . -4.86 6.43 1.93
H4A ULR C . -2.85 7.79 3.79
H4B ULR C . -4.47 8.34 3.39
H6 ULR C . -1.92 8.51 0.07
H10 ULR C . -1.15 3.99 0.75
H12 ULR C . -2.20 5.93 4.46
H13 ULR C . -0.05 5.27 5.42
H14A ULR C . -0.31 9.01 1.84
H14B ULR C . -0.68 7.52 2.67
H15A ULR C . 0.88 7.90 0.08
H15C ULR C . 0.20 6.31 0.45
H15B ULR C . 1.36 7.05 1.56
H18 ULR C . 2.03 2.03 3.49
H21 ULR C . 6.48 0.87 3.41
H24 ULR C . 3.33 2.90 6.65
H25 ULR C . 5.21 2.52 8.47
H28B ULR C . 8.82 0.73 8.41
H28A ULR C . 7.44 0.89 9.52
H28C ULR C . 8.36 2.33 9.02
H5 ULR C . -2.61 9.52 2.23
H27 ULR C . 8.07 0.66 5.86
N1 PSU A 5 2.00 -5.62 -0.35
C2 PSU A 5 1.20 -6.22 0.61
N3 PSU A 5 0.06 -6.76 0.12
C4 PSU A 5 -0.35 -6.80 -1.19
C5 PSU A 5 0.54 -6.16 -2.16
C6 PSU A 5 1.68 -5.57 -1.69
O2 PSU A 5 1.45 -6.23 1.80
O4 PSU A 5 -1.42 -7.35 -1.44
C1' PSU A 5 0.09 -6.12 -3.62
C2' PSU A 5 -0.62 -4.81 -3.95
O2' PSU A 5 -1.83 -5.07 -4.68
C3' PSU A 5 0.42 -4.04 -4.77
C4' PSU A 5 1.14 -5.19 -5.47
O3' PSU A 5 -0.22 -3.17 -5.76
O4' PSU A 5 1.22 -6.24 -4.49
C5' PSU A 5 2.55 -4.77 -5.90
O5' PSU A 5 3.44 -4.78 -4.76
P PSU A 5 5.01 -4.80 -4.96
OP1 PSU A 5 5.38 -4.17 -6.25
OP2 PSU A 5 5.63 -4.25 -3.73
HN1 PSU A 5 2.89 -5.31 0.02
HN3 PSU A 5 -0.55 -7.20 0.79
H6 PSU A 5 2.37 -5.04 -2.34
H1' PSU A 5 -0.56 -6.96 -3.80
H2' PSU A 5 -0.90 -4.26 -3.07
HO2' PSU A 5 -2.47 -4.37 -4.48
H3' PSU A 5 1.09 -3.47 -4.14
H4' PSU A 5 0.56 -5.53 -6.30
H5' PSU A 5 2.54 -3.79 -6.36
H5'' PSU A 5 2.91 -5.52 -6.57
N1 PSU A 6 -1.32 -2.89 -0.35
C2 PSU A 6 -1.39 -3.54 0.87
N3 PSU A 6 -2.59 -4.16 1.09
C4 PSU A 6 -3.69 -4.18 0.25
C5 PSU A 6 -3.51 -3.53 -1.06
C6 PSU A 6 -2.33 -2.88 -1.28
O2 PSU A 6 -0.45 -3.60 1.66
O4 PSU A 6 -4.73 -4.69 0.66
C1' PSU A 6 -4.65 -3.58 -2.07
C2' PSU A 6 -5.49 -2.29 -2.04
O2' PSU A 6 -6.85 -2.57 -2.33
C3' PSU A 6 -4.84 -1.47 -3.16
C4' PSU A 6 -4.58 -2.57 -4.19
O3' PSU A 6 -5.77 -0.48 -3.68
O4' PSU A 6 -4.11 -3.71 -3.42
C5' PSU A 6 -3.54 -2.13 -5.22
O5' PSU A 6 -2.23 -2.11 -4.60
P PSU A 6 -0.90 -1.79 -5.37
OP1 PSU A 6 -1.14 -1.12 -6.66
OP2 PSU A 6 -0.03 -1.04 -4.44
HN1 PSU A 6 -0.44 -2.43 -0.54
HN3 PSU A 6 -2.72 -4.58 1.99
H6 PSU A 6 -2.12 -2.34 -2.19
H1' PSU A 6 -5.27 -4.44 -1.86
H2' PSU A 6 -5.47 -1.80 -1.09
HO2' PSU A 6 -7.25 -1.75 -2.69
H3' PSU A 6 -3.92 -1.00 -2.84
H4' PSU A 6 -5.50 -2.84 -4.67
H5' PSU A 6 -3.77 -1.15 -5.58
H5'' PSU A 6 -3.50 -2.85 -6.02
C1 ULR C . -2.87 7.01 0.86
N2 ULR C . -3.11 6.10 2.02
C3 ULR C . -4.13 6.72 2.91
C4 ULR C . -3.68 8.13 3.38
N5 ULR C . -3.20 9.04 2.30
C6 ULR C . -2.29 8.39 1.31
C7 ULR C . 0.53 4.47 3.36
C8 ULR C . 0.08 4.25 2.04
C10 ULR C . -1.18 4.69 1.64
C11 ULR C . -2.01 5.40 2.52
C12 ULR C . -1.62 5.50 3.87
C13 ULR C . -0.35 5.07 4.28
C14 ULR C . -0.85 8.34 1.88
C15 ULR C . 0.22 7.71 0.97
C16 ULR C . 1.91 4.18 3.80
O17 ULR C . 2.53 5.00 4.45
N18 ULR C . 2.44 2.97 3.48
C19 ULR C . 3.68 2.53 3.87
N20 ULR C . 4.49 2.16 2.85
C21 ULR C . 5.74 1.73 3.14
C22 ULR C . 6.17 1.64 4.47
N23 ULR C . 5.33 2.00 5.48
C24 ULR C . 4.06 2.48 5.22
C25 ULR C . 5.96 1.96 6.70
C26 ULR C . 7.24 1.50 6.42
N27 ULR C . 7.38 1.32 5.05
C28 ULR C . 8.29 1.29 7.47
F9 ULR C . 0.91 3.71 1.12
H1A ULR C . -3.83 7.20 0.36
H1B ULR C . -2.24 6.55 0.09
H3A ULR C . -4.34 6.08 3.77
H3B ULR C . -5.07 6.82 2.35
H4A ULR C . -2.88 8.01 4.13
H4B ULR C . -4.51 8.61 3.92
H6 ULR C . -2.25 9.03 0.42
H10 ULR C . -1.48 4.56 0.60
H12 ULR C . -2.25 6.01 4.60
H13 ULR C . -0.03 5.24 5.31
H14A ULR C . -0.52 9.35 2.12
H14B ULR C . -0.84 7.80 2.84
H15A ULR C . 0.57 8.42 0.22
H15C ULR C . -0.14 6.81 0.43
H15B ULR C . 1.09 7.39 1.55
H18 ULR C . 1.89 2.36 2.89
H21 ULR C . 6.39 1.46 2.30
H24 ULR C . 3.40 2.77 6.03
H25 ULR C . 5.48 2.25 7.64
H28B ULR C . 8.70 2.24 7.83
H28A ULR C . 9.12 0.70 7.07
H28C ULR C . 7.88 0.75 8.34
H5 ULR C . -2.68 9.83 2.74
H27 ULR C . 8.23 1.05 4.54
N1 PSU A 5 1.23 -5.32 -0.26
C2 PSU A 5 0.43 -6.13 0.51
N3 PSU A 5 -0.52 -6.83 -0.18
C4 PSU A 5 -0.69 -6.85 -1.55
C5 PSU A 5 0.22 -5.97 -2.32
C6 PSU A 5 1.11 -5.21 -1.62
O2 PSU A 5 0.55 -6.16 1.73
O4 PSU A 5 -1.60 -7.53 -2.02
C1' PSU A 5 0.08 -5.89 -3.84
C2' PSU A 5 -0.75 -4.68 -4.26
O2' PSU A 5 -1.55 -5.00 -5.40
C3' PSU A 5 0.31 -3.61 -4.57
C4' PSU A 5 1.41 -4.49 -5.20
O3' PSU A 5 -0.22 -2.66 -5.51
O4' PSU A 5 1.38 -5.74 -4.46
C5' PSU A 5 2.80 -3.82 -5.09
O5' PSU A 5 3.35 -4.02 -3.76
P PSU A 5 4.82 -3.62 -3.33
OP1 PSU A 5 5.53 -2.84 -4.38
OP2 PSU A 5 4.87 -3.22 -1.90
HN1 PSU A 5 1.97 -4.86 0.23
HN3 PSU A 5 -1.16 -7.37 0.36
H6 PSU A 5 1.78 -4.51 -2.08
H1' PSU A 5 -0.36 -6.81 -4.20
H2' PSU A 5 -1.43 -4.36 -3.49
HO2' PSU A 5 -1.65 -4.20 -5.95
H3' PSU A 5 0.67 -3.13 -3.67
H4' PSU A 5 1.15 -4.69 -6.22
H5' PSU A 5 2.73 -2.77 -5.29
H5'' PSU A 5 3.46 -4.31 -5.78
N1 PSU A 6 -1.17 -2.91 -0.21
C2 PSU A 6 -1.28 -3.32 1.10
N3 PSU A 6 -2.46 -3.97 1.40
C4 PSU A 6 -3.52 -4.17 0.56
C5 PSU A 6 -3.34 -3.68 -0.83
C6 PSU A 6 -2.18 -3.06 -1.14
O2 PSU A 6 -0.40 -3.11 1.94
O4 PSU A 6 -4.55 -4.67 1.01
C1' PSU A 6 -4.49 -3.83 -1.81
C2' PSU A 6 -5.42 -2.61 -1.73
O2' PSU A 6 -6.77 -2.99 -1.95
C3' PSU A 6 -4.91 -1.72 -2.86
C4' PSU A 6 -4.54 -2.77 -3.90
O3' PSU A 6 -5.97 -0.85 -3.34
O4' PSU A 6 -3.96 -3.88 -3.16
C5' PSU A 6 -3.53 -2.21 -4.93
O5' PSU A 6 -2.28 -1.87 -4.28
P PSU A 6 -0.99 -1.35 -5.04
OP1 PSU A 6 -1.33 -0.70 -6.34
OP2 PSU A 6 -0.11 -0.63 -4.07
HN1 PSU A 6 -0.31 -2.45 -0.45
HN3 PSU A 6 -2.57 -4.26 2.34
H6 PSU A 6 -1.96 -2.64 -2.10
H1' PSU A 6 -5.02 -4.74 -1.61
H2' PSU A 6 -5.39 -2.12 -0.77
HO2' PSU A 6 -7.11 -2.51 -2.73
H3' PSU A 6 -4.04 -1.15 -2.54
H4' PSU A 6 -5.41 -3.13 -4.39
H5' PSU A 6 -3.92 -1.32 -5.38
H5'' PSU A 6 -3.33 -2.97 -5.65
C1 ULR C . -2.29 6.69 0.21
N2 ULR C . -2.70 5.84 1.37
C3 ULR C . -3.83 6.50 2.06
C4 ULR C . -3.45 7.92 2.55
N5 ULR C . -2.80 8.78 1.51
C6 ULR C . -1.76 8.09 0.68
C7 ULR C . 0.67 4.22 3.30
C8 ULR C . 0.40 3.92 1.94
C10 ULR C . -0.77 4.38 1.35
C11 ULR C . -1.70 5.15 2.06
C12 ULR C . -1.48 5.35 3.43
C13 ULR C . -0.29 4.91 4.05
C14 ULR C . -0.41 8.05 1.46
C15 ULR C . 0.76 7.37 0.74
C16 ULR C . 1.97 3.89 3.96
O17 ULR C . 2.42 4.60 4.85
N18 ULR C . 2.64 2.78 3.54
C19 ULR C . 3.87 2.35 4.03
N20 ULR C . 4.76 1.96 3.09
C21 ULR C . 5.98 1.54 3.52
C22 ULR C . 6.28 1.50 4.89
N23 ULR C . 5.37 1.90 5.80
C24 ULR C . 4.12 2.31 5.41
C25 ULR C . 5.81 1.76 7.09
C26 ULR C . 7.08 1.23 6.96
N27 ULR C . 7.36 1.02 5.61
C28 ULR C . 7.94 0.90 8.14
F9 ULR C . 1.32 3.33 1.16
H1A ULR C . -3.17 6.87 -0.43
H1B ULR C . -1.56 6.20 -0.43
H3A ULR C . -4.17 5.89 2.91
H3B ULR C . -4.68 6.57 1.37
H4A ULR C . -2.76 7.81 3.39
H4B ULR C . -4.33 8.43 2.94
H6 ULR C . -1.58 8.69 -0.22
H10 ULR C . -0.93 4.18 0.29
H12 ULR C . -2.17 5.91 4.04
H13 ULR C . -0.10 5.15 5.09
H14A ULR C . -0.12 9.08 1.71
H14B ULR C . -0.55 7.54 2.42
H15A ULR C . 1.54 7.07 1.44
H15C ULR C . 1.20 8.05 0.02
H15B ULR C . 0.47 6.46 0.19
H18 ULR C . 2.19 2.20 2.84
H21 ULR C . 6.69 1.21 2.75
H24 ULR C . 3.39 2.62 6.16
H25 ULR C . 5.21 2.02 7.96
H28B ULR C . 8.76 0.23 7.87
H28A ULR C . 7.35 0.41 8.92
H28C ULR C . 8.37 1.82 8.56
H5 ULR C . -2.36 9.60 1.97
H27 ULR C . 8.15 0.46 5.27
N1 PSU A 5 1.96 -5.78 -0.33
C2 PSU A 5 1.09 -6.28 0.61
N3 PSU A 5 -0.08 -6.78 0.10
C4 PSU A 5 -0.42 -6.84 -1.23
C5 PSU A 5 0.56 -6.31 -2.20
C6 PSU A 5 1.71 -5.77 -1.69
O2 PSU A 5 1.28 -6.24 1.83
O4 PSU A 5 -1.50 -7.34 -1.54
C1' PSU A 5 0.20 -6.33 -3.67
C2' PSU A 5 -0.53 -5.04 -4.07
O2' PSU A 5 -1.65 -5.37 -4.90
C3' PSU A 5 0.53 -4.26 -4.86
C4' PSU A 5 1.25 -5.42 -5.55
O3' PSU A 5 -0.11 -3.38 -5.83
O4' PSU A 5 1.37 -6.43 -4.51
C5' PSU A 5 2.62 -4.97 -6.06
O5' PSU A 5 3.55 -4.80 -4.95
P PSU A 5 5.10 -4.55 -5.16
OP1 PSU A 5 5.37 -4.05 -6.51
OP2 PSU A 5 5.66 -3.77 -4.04
HN1 PSU A 5 2.80 -5.41 0.05
HN3 PSU A 5 -0.75 -7.14 0.74
H6 PSU A 5 2.47 -5.33 -2.33
H1' PSU A 5 -0.43 -7.18 -3.86
H2' PSU A 5 -0.90 -4.49 -3.23
HO2' PSU A 5 -1.58 -4.82 -5.70
H3' PSU A 5 1.19 -3.72 -4.20
H4' PSU A 5 0.66 -5.81 -6.35
H5' PSU A 5 2.53 -4.03 -6.57
H5'' PSU A 5 3.02 -5.73 -6.71
N1 PSU A 6 -0.85 -3.09 0.12
C2 PSU A 6 -1.12 -3.52 1.41
N3 PSU A 6 -2.34 -4.14 1.57
C4 PSU A 6 -3.30 -4.32 0.61
C5 PSU A 6 -2.98 -3.77 -0.72
C6 PSU A 6 -1.77 -3.18 -0.91
O2 PSU A 6 -0.38 -3.31 2.37
O4 PSU A 6 -4.34 -4.88 0.92
C1' PSU A 6 -4.10 -3.79 -1.76
C2' PSU A 6 -4.90 -2.48 -1.69
O2' PSU A 6 -6.31 -2.71 -1.85
C3' PSU A 6 -4.31 -1.66 -2.84
C4' PSU A 6 -4.12 -2.78 -3.85
O3' PSU A 6 -5.22 -0.64 -3.30
O4' PSU A 6 -3.56 -3.87 -3.09
C5' PSU A 6 -3.18 -2.35 -4.99
O5' PSU A 6 -1.84 -2.11 -4.49
P PSU A 6 -0.60 -1.92 -5.45
OP1 PSU A 6 -1.03 -1.25 -6.71
OP2 PSU A 6 0.41 -1.26 -4.61
HN1 PSU A 6 0.06 -2.68 0.01
HN3 PSU A 6 -2.55 -4.45 2.49
H6 PSU A 6 -1.48 -2.71 -1.84
H1' PSU A 6 -4.74 -4.64 -1.60
H2' PSU A 6 -4.77 -1.99 -0.74
HO2' PSU A 6 -6.70 -1.97 -2.36
H3' PSU A 6 -3.35 -1.24 -2.56
H4' PSU A 6 -5.07 -3.09 -4.25
H5' PSU A 6 -3.54 -1.46 -5.45
H5'' PSU A 6 -3.12 -3.18 -5.68
C1 ULR C . -2.61 6.76 0.58
N2 ULR C . -2.91 5.82 1.71
C3 ULR C . -4.03 6.39 2.52
C4 ULR C . -3.67 7.80 3.08
N5 ULR C . -3.13 8.73 2.04
C6 ULR C . -2.10 8.15 1.12
C7 ULR C . 0.64 4.26 3.33
C8 ULR C . 0.28 3.97 1.99
C10 ULR C . -0.95 4.41 1.49
C11 ULR C . -1.84 5.13 2.29
C12 ULR C . -1.54 5.27 3.66
C13 ULR C . -0.30 4.89 4.16
C14 ULR C . -0.72 8.10 1.82
C15 ULR C . 0.44 7.48 0.98
C16 ULR C . 1.99 3.94 3.88
O17 ULR C . 2.56 4.71 4.65
N18 ULR C . 2.56 2.75 3.53
C19 ULR C . 3.77 2.27 4.01
N20 ULR C . 4.64 1.90 3.06
C21 ULR C . 5.87 1.50 3.44
C22 ULR C . 6.20 1.45 4.81
N23 ULR C . 5.28 1.79 5.75
C24 ULR C . 4.03 2.22 5.39
C25 ULR C . 5.79 1.68 7.02
C26 ULR C . 7.09 1.24 6.84
N27 ULR C . 7.36 1.13 5.48
C28 ULR C . 8.02 0.97 7.98
F9 ULR C . 1.14 3.38 1.15
H1A ULR C . -3.53 6.93 0.01
H1B ULR C . -1.89 6.33 -0.12
H3A ULR C . -4.29 5.72 3.34
H3B ULR C . -4.92 6.48 1.88
H4A ULR C . -2.93 7.68 3.87
H4B ULR C . -4.57 8.24 3.54
H6 ULR C . -2.00 8.80 0.25
H10 ULR C . -1.16 4.26 0.43
H12 ULR C . -2.22 5.77 4.34
H13 ULR C . -0.05 5.09 5.21
H14A ULR C . -0.42 9.12 2.09
H14B ULR C . -0.78 7.56 2.77
H15A ULR C . 0.81 8.18 0.24
H15C ULR C . 0.15 6.57 0.46
H15B ULR C . 1.28 7.22 1.64
H18 ULR C . 2.07 2.17 2.86
H21 ULR C . 6.59 1.22 2.67
H24 ULR C . 3.30 2.50 6.15
H25 ULR C . 5.20 1.89 7.91
H28B ULR C . 8.39 1.91 8.41
H28A ULR C . 8.89 0.39 7.68
H28C ULR C . 7.52 0.42 8.78
H5 ULR C . -2.73 9.57 2.50
H27 ULR C . 8.26 0.89 5.04
N1 PSU A 5 1.48 -6.92 -0.92
C2 PSU A 5 0.55 -7.20 0.06
N3 PSU A 5 -0.72 -7.42 -0.41
C4 PSU A 5 -1.12 -7.45 -1.73
C5 PSU A 5 -0.06 -7.18 -2.73
C6 PSU A 5 1.18 -6.88 -2.27
O2 PSU A 5 0.82 -7.24 1.25
O4 PSU A 5 -2.31 -7.65 -1.98
C1' PSU A 5 -0.45 -7.13 -4.20
C2' PSU A 5 -0.96 -5.72 -4.54
O2' PSU A 5 -2.05 -5.76 -5.46
C3' PSU A 5 0.29 -5.07 -5.13
C4' PSU A 5 0.81 -6.24 -5.97
O3' PSU A 5 -0.04 -3.92 -5.94
O4' PSU A 5 0.69 -7.38 -5.06
C5' PSU A 5 2.27 -5.99 -6.38
O5' PSU A 5 3.08 -6.04 -5.19
P PSU A 5 4.63 -5.74 -5.16
OP1 PSU A 5 5.00 -4.88 -6.32
OP2 PSU A 5 4.83 -5.26 -3.77
HN1 PSU A 5 2.39 -6.67 -0.57
HN3 PSU A 5 -1.42 -7.60 0.27
H6 PSU A 5 1.98 -6.60 -2.92
H1' PSU A 5 -1.21 -7.86 -4.40
H2' PSU A 5 -1.30 -5.20 -3.66
HO2' PSU A 5 -2.30 -4.83 -5.62
H3' PSU A 5 1.00 -4.82 -4.37
H4' PSU A 5 0.18 -6.40 -6.83
H5' PSU A 5 2.36 -5.01 -6.82
H5'' PSU A 5 2.59 -6.75 -7.05
N1 PSU A 6 -0.75 -3.68 -0.10
C2 PSU A 6 -1.09 -3.91 1.23
N3 PSU A 6 -2.43 -4.18 1.42
C4 PSU A 6 -3.41 -4.21 0.45
C5 PSU A 6 -2.97 -3.96 -0.93
C6 PSU A 6 -1.66 -3.68 -1.15
O2 PSU A 6 -0.29 -3.91 2.14
O4 PSU A 6 -4.57 -4.39 0.83
C1' PSU A 6 -4.06 -3.96 -2.01
C2' PSU A 6 -4.89 -2.69 -1.96
O2' PSU A 6 -6.22 -2.97 -2.38
C3' PSU A 6 -4.12 -1.78 -2.93
C4' PSU A 6 -3.85 -2.79 -4.04
O3' PSU A 6 -4.95 -0.69 -3.38
O4' PSU A 6 -3.51 -4.04 -3.35
C5' PSU A 6 -2.74 -2.33 -5.00
O5' PSU A 6 -1.44 -2.53 -4.41
P PSU A 6 -0.10 -2.48 -5.27
OP1 PSU A 6 -0.19 -1.55 -6.42
OP2 PSU A 6 1.10 -2.36 -4.42
HN1 PSU A 6 0.24 -3.54 -0.23
HN3 PSU A 6 -2.72 -4.32 2.36
H6 PSU A 6 -1.25 -3.44 -2.11
H1' PSU A 6 -4.69 -4.83 -1.85
H2' PSU A 6 -4.96 -2.27 -0.97
HO2' PSU A 6 -6.55 -2.27 -2.97
H3' PSU A 6 -3.19 -1.42 -2.50
H4' PSU A 6 -4.75 -2.94 -4.60
H5' PSU A 6 -2.85 -1.29 -5.25
H5'' PSU A 6 -2.78 -2.95 -5.87
C1 ULR C . -2.63 7.51 0.46
N2 ULR C . -3.01 6.65 1.62
C3 ULR C . -4.06 7.36 2.39
C4 ULR C . -3.59 8.75 2.88
N5 ULR C . -2.95 9.58 1.82
C6 ULR C . -2.00 8.86 0.93
C7 ULR C . 0.38 4.82 3.32
C8 ULR C . 0.03 4.55 1.98
C10 ULR C . -1.15 5.08 1.45
C11 ULR C . -2.01 5.88 2.23
C12 ULR C . -1.71 6.03 3.60
C13 ULR C . -0.52 5.53 4.13
C14 ULR C . -0.62 8.73 1.63
C15 ULR C . 0.49 8.04 0.80
C16 ULR C . 1.71 4.45 3.92
O17 ULR C . 2.16 5.11 4.83
N18 ULR C . 2.39 3.39 3.40
C19 ULR C . 3.58 2.87 3.91
N20 ULR C . 4.50 2.60 2.96
C21 ULR C . 5.68 2.08 3.37
C22 ULR C . 5.90 1.80 4.72
N23 ULR C . 4.95 2.07 5.64
C24 ULR C . 3.76 2.65 5.28
C25 ULR C . 5.37 1.83 6.93
C26 ULR C . 6.67 1.36 6.77
N27 ULR C . 7.00 1.32 5.41
C28 ULR C . 7.57 1.00 7.92
F9 ULR C . 0.84 3.88 1.15
H1A ULR C . -3.53 7.74 -0.12
H1B ULR C . -1.96 7.00 -0.23
H3A ULR C . -4.39 6.76 3.25
H3B ULR C . -4.94 7.50 1.74
H4A ULR C . -2.88 8.61 3.70
H4B ULR C . -4.44 9.29 3.32
H6 ULR C . -1.84 9.47 0.04
H10 ULR C . -1.37 4.94 0.40
H12 ULR C . -2.34 6.63 4.25
H13 ULR C . -0.27 5.75 5.17
H14A ULR C . -0.26 9.73 1.89
H14B ULR C . -0.72 8.22 2.59
H15A ULR C . 1.27 7.64 1.47
H15C ULR C . 0.97 8.73 0.11
H15B ULR C . 0.11 7.19 0.21
H18 ULR C . 1.97 2.87 2.64
H21 ULR C . 6.44 1.89 2.61
H24 ULR C . 3.03 2.95 6.02
H25 ULR C . 4.77 2.02 7.80
H28B ULR C . 6.98 0.59 8.76
H28A ULR C . 8.11 1.88 8.28
H28C ULR C . 8.31 0.25 7.63
H5 ULR C . -2.51 10.39 2.26
H27 ULR C . 7.86 0.93 5.01
N1 PSU A 5 2.39 -6.15 -0.09
C2 PSU A 5 1.47 -6.53 0.88
N3 PSU A 5 0.24 -6.87 0.40
C4 PSU A 5 -0.17 -6.86 -0.91
C5 PSU A 5 0.86 -6.45 -1.90
C6 PSU A 5 2.08 -6.09 -1.45
O2 PSU A 5 1.70 -6.46 2.08
O4 PSU A 5 -1.34 -7.11 -1.17
C1' PSU A 5 0.41 -6.28 -3.35
C2' PSU A 5 -0.15 -4.86 -3.52
O2' PSU A 5 -1.45 -4.92 -4.11
C3' PSU A 5 0.90 -4.18 -4.41
C4' PSU A 5 1.37 -5.35 -5.24
O3' PSU A 5 0.33 -3.12 -5.22
O4' PSU A 5 1.52 -6.43 -4.28
C5' PSU A 5 2.70 -5.02 -5.96
O5' PSU A 5 3.81 -5.05 -5.02
P PSU A 5 5.33 -4.91 -5.48
OP1 PSU A 5 5.51 -4.44 -6.87
OP2 PSU A 5 6.17 -4.35 -4.38
HN1 PSU A 5 3.28 -5.85 0.27
HN3 PSU A 5 -0.46 -7.09 1.06
H6 PSU A 5 2.85 -5.68 -2.09
H1' PSU A 5 -0.34 -7.02 -3.58
H2' PSU A 5 -0.28 -4.34 -2.59
HO2' PSU A 5 -1.81 -4.02 -4.16
H3' PSU A 5 1.72 -3.80 -3.81
H4' PSU A 5 0.61 -5.63 -5.95
H5' PSU A 5 2.66 -4.05 -6.40
H5'' PSU A 5 2.89 -5.77 -6.70
N1 PSU A 6 -1.33 -3.20 0.35
C2 PSU A 6 -1.75 -3.81 1.53
N3 PSU A 6 -3.02 -4.32 1.48
C4 PSU A 6 -3.88 -4.27 0.40
C5 PSU A 6 -3.40 -3.54 -0.79
C6 PSU A 6 -2.15 -3.03 -0.75
O2 PSU A 6 -1.03 -3.92 2.51
O4 PSU A 6 -4.96 -4.85 0.49
C1' PSU A 6 -4.38 -3.34 -1.95
C2' PSU A 6 -5.08 -1.98 -1.87
O2' PSU A 6 -6.44 -2.09 -2.30
C3' PSU A 6 -4.22 -1.13 -2.82
C4' PSU A 6 -3.93 -2.15 -3.92
O3' PSU A 6 -4.98 0.00 -3.32
O4' PSU A 6 -3.67 -3.40 -3.21
C5' PSU A 6 -2.73 -1.73 -4.75
O5' PSU A 6 -1.51 -1.96 -4.00
P PSU A 6 -0.07 -1.72 -4.60
OP1 PSU A 6 -0.14 -0.83 -5.79
OP2 PSU A 6 0.85 -1.40 -3.48
HN1 PSU A 6 -0.38 -2.89 0.34
HN3 PSU A 6 -3.35 -4.78 2.30
H6 PSU A 6 -1.72 -2.47 -1.57
H1' PSU A 6 -5.11 -4.14 -1.96
H2' PSU A 6 -5.10 -1.58 -0.87
HO2' PSU A 6 -6.59 -1.49 -3.06
H3' PSU A 6 -3.31 -0.80 -2.34
H4' PSU A 6 -4.81 -2.29 -4.54
H5' PSU A 6 -2.79 -0.69 -5.01
H5'' PSU A 6 -2.68 -2.36 -5.62
C1 ULR C . -2.45 7.18 0.62
N2 ULR C . -2.69 6.21 1.71
C3 ULR C . -3.68 6.78 2.66
C4 ULR C . -3.17 8.14 3.24
N5 ULR C . -2.69 9.08 2.19
C6 ULR C . -1.80 8.50 1.15
C7 ULR C . 0.88 4.31 2.90
C8 ULR C . 0.42 4.21 1.58
C10 ULR C . -0.82 4.75 1.21
C11 ULR C . -1.62 5.43 2.15
C12 ULR C . -1.20 5.44 3.49
C13 ULR C . 0.04 4.92 3.86
C14 ULR C . -0.35 8.34 1.72
C15 ULR C . 0.67 7.68 0.74
C16 ULR C . 2.22 3.84 3.37
O17 ULR C . 2.77 4.37 4.33
N18 ULR C . 2.82 2.80 2.71
C19 ULR C . 4.02 2.20 3.05
N20 ULR C . 4.80 1.90 1.99
C21 ULR C . 6.01 1.34 2.22
C22 ULR C . 6.42 1.07 3.53
N23 ULR C . 5.62 1.37 4.57
C24 ULR C . 4.38 1.95 4.38
C25 ULR C . 6.20 1.06 5.78
C26 ULR C . 7.44 0.55 5.44
N27 ULR C . 7.59 0.55 4.05
C28 ULR C . 8.44 0.06 6.45
F9 ULR C . 1.19 3.69 0.60
H1A ULR C . -3.40 7.45 0.16
H1B ULR C . -1.83 6.76 -0.20
H3A ULR C . -3.89 6.08 3.48
H3B ULR C . -4.62 6.96 2.14
H4A ULR C . -2.35 7.93 3.95
H4B ULR C . -3.97 8.58 3.82
H6 ULR C . -1.73 9.20 0.32
H10 ULR C . -1.12 4.70 0.17
H12 ULR C . -1.79 5.92 4.27
H13 ULR C . 0.35 5.00 4.90
H14A ULR C . 0.04 9.31 2.00
H14B ULR C . -0.36 7.76 2.64
H15A ULR C . 1.04 8.40 0.02
H15C ULR C . 0.25 6.86 0.16
H15B ULR C . 1.53 7.29 1.30
H18 ULR C . 2.39 2.46 1.86
H21 ULR C . 6.63 1.09 1.36
H24 ULR C . 3.75 2.20 5.23
H25 ULR C . 5.73 1.24 6.74
H28B ULR C . 8.98 0.89 6.90
H28A ULR C . 9.16 -0.63 6.00
H28C ULR C . 7.92 -0.49 7.25
H5 ULR C . -2.24 9.90 2.63
H27 ULR C . 8.39 0.20 3.54
N1 PSU A 5 1.78 -6.38 -1.11
C2 PSU A 5 1.12 -6.90 -0.01
N3 PSU A 5 -0.10 -7.46 -0.29
C4 PSU A 5 -0.70 -7.56 -1.52
C5 PSU A 5 0.05 -6.93 -2.64
C6 PSU A 5 1.24 -6.36 -2.38
O2 PSU A 5 1.60 -6.86 1.12
O4 PSU A 5 -1.79 -8.11 -1.61
C1' PSU A 5 -0.65 -6.88 -4.00
C2' PSU A 5 -1.30 -5.50 -4.20
O2' PSU A 5 -2.66 -5.66 -4.63
C3' PSU A 5 -0.39 -4.83 -5.25
C4' PSU A 5 0.05 -6.05 -6.05
O3' PSU A 5 -1.08 -3.85 -6.08
O4' PSU A 5 0.31 -7.08 -5.07
C5' PSU A 5 1.31 -5.71 -6.85
O5' PSU A 5 2.40 -5.51 -5.94
P PSU A 5 3.87 -5.22 -6.43
OP1 PSU A 5 3.84 -4.71 -7.83
OP2 PSU A 5 4.53 -4.47 -5.34
HN1 PSU A 5 2.68 -5.98 -0.91
HN3 PSU A 5 -0.65 -7.76 0.49
H6 PSU A 5 1.82 -5.84 -3.14
H1' PSU A 5 -1.38 -7.66 -4.05
H2' PSU A 5 -1.33 -4.93 -3.29
HO2' PSU A 5 -3.18 -4.89 -4.33
H3' PSU A 5 0.46 -4.39 -4.77
H4' PSU A 5 -0.73 -6.39 -6.70
H5' PSU A 5 1.15 -4.81 -7.43
H5'' PSU A 5 1.55 -6.55 -7.49
N1 PSU A 6 -1.63 -3.51 -0.42
C2 PSU A 6 -1.82 -3.80 0.91
N3 PSU A 6 -3.14 -3.92 1.28
C4 PSU A 6 -4.24 -3.80 0.46
C5 PSU A 6 -3.96 -3.55 -0.96
C6 PSU A 6 -2.66 -3.38 -1.33
O2 PSU A 6 -0.90 -3.92 1.71
O4 PSU A 6 -5.37 -3.84 0.97
C1' PSU A 6 -5.13 -3.45 -1.94
C2' PSU A 6 -5.66 -2.01 -2.02
O2' PSU A 6 -7.08 -2.01 -2.09
C3' PSU A 6 -4.99 -1.48 -3.28
C4' PSU A 6 -5.02 -2.72 -4.17
O3' PSU A 6 -5.72 -0.35 -3.85
O4' PSU A 6 -4.70 -3.82 -3.28
C5' PSU A 6 -3.98 -2.61 -5.29
O5' PSU A 6 -2.66 -2.55 -4.70
P PSU A 6 -1.33 -2.38 -5.56
OP1 PSU A 6 -1.64 -1.46 -6.69
OP2 PSU A 6 -0.25 -1.97 -4.64
HN1 PSU A 6 -0.67 -3.37 -0.70
HN3 PSU A 6 -3.30 -4.08 2.25
H6 PSU A 6 -2.37 -3.14 -2.33
H1' PSU A 6 -5.90 -4.12 -1.62
H2' PSU A 6 -5.39 -1.43 -1.16
HO2' PSU A 6 -7.39 -1.96 -3.02
H3' PSU A 6 -3.96 -1.20 -3.07
H4' PSU A 6 -6.00 -2.89 -4.58
H5' PSU A 6 -4.14 -1.70 -5.84
H5'' PSU A 6 -4.02 -3.48 -5.92
C1 ULR C . -2.07 7.78 0.18
N2 ULR C . -2.55 6.83 1.23
C3 ULR C . -3.62 7.49 2.01
C4 ULR C . -3.13 8.83 2.66
N5 ULR C . -2.40 9.72 1.71
C6 ULR C . -1.42 9.06 0.82
C7 ULR C . 0.69 4.71 2.88
C8 ULR C . 0.36 4.55 1.52
C10 ULR C . -0.77 5.18 0.99
C11 ULR C . -1.61 5.96 1.81
C12 ULR C . -1.36 5.98 3.19
C13 ULR C . -0.21 5.40 3.71
C14 ULR C . -0.08 8.81 1.58
C15 ULR C . 1.04 8.13 0.76
C16 ULR C . 1.97 4.24 3.49
O17 ULR C . 2.41 4.76 4.49
N18 ULR C . 2.62 3.20 2.91
C19 ULR C . 3.78 2.58 3.39
N20 ULR C . 4.69 2.31 2.43
C21 ULR C . 5.85 1.73 2.81
C22 ULR C . 6.08 1.41 4.16
N23 ULR C . 5.13 1.68 5.09
C24 ULR C . 3.94 2.28 4.75
C25 ULR C . 5.56 1.35 6.36
C26 ULR C . 6.83 0.83 6.17
N27 ULR C . 7.17 0.88 4.82
C28 ULR C . 7.69 0.32 7.29
F9 ULR C . 1.17 3.90 0.65
H1A ULR C . -2.92 8.11 -0.41
H1B ULR C . -1.37 7.30 -0.51
H3A ULR C . -4.00 6.82 2.79
H3B ULR C . -4.46 7.72 1.35
H4A ULR C . -2.48 8.59 3.51
H4B ULR C . -3.99 9.36 3.07
H6 ULR C . -1.18 9.74 0.00
H10 ULR C . -0.97 5.11 -0.07
H12 ULR C . -1.98 6.55 3.86
H13 ULR C . 0.03 5.53 4.77
H14A ULR C . 0.30 9.76 1.94
H14B ULR C . -0.26 8.21 2.48
H15A ULR C . 1.56 8.85 0.12
H15C ULR C . 0.67 7.32 0.11
H15B ULR C . 1.78 7.68 1.43
H18 ULR C . 2.24 2.79 2.07
H21 ULR C . 6.60 1.53 2.03
H24 ULR C . 3.22 2.51 5.52
H25 ULR C . 4.95 1.50 7.24
H28B ULR C . 8.49 -0.33 6.92
H28A ULR C . 7.11 -0.25 8.02
H28C ULR C . 8.16 1.16 7.82
H5 ULR C . -1.95 10.49 2.24
H27 ULR C . 8.06 0.64 4.39
N1 PSU A 5 1.32 -5.63 -0.98
C2 PSU A 5 0.46 -6.07 0.00
N3 PSU A 5 -0.73 -6.56 -0.47
C4 PSU A 5 -1.11 -6.68 -1.78
C5 PSU A 5 -0.13 -6.23 -2.78
C6 PSU A 5 1.03 -5.68 -2.33
O2 PSU A 5 0.69 -5.96 1.20
O4 PSU A 5 -2.26 -7.06 -2.01
C1' PSU A 5 -0.51 -6.33 -4.25
C2' PSU A 5 -1.24 -5.08 -4.73
O2' PSU A 5 -2.22 -5.40 -5.72
C3' PSU A 5 -0.08 -4.25 -5.32
C4' PSU A 5 0.70 -5.37 -6.01
O3' PSU A 5 -0.55 -3.28 -6.29
O4' PSU A 5 0.68 -6.48 -5.08
C5' PSU A 5 2.13 -4.94 -6.32
O5' PSU A 5 2.93 -4.96 -5.11
P PSU A 5 4.51 -4.81 -5.11
OP1 PSU A 5 5.00 -4.37 -6.44
OP2 PSU A 5 4.88 -4.05 -3.89
HN1 PSU A 5 2.21 -5.30 -0.62
HN3 PSU A 5 -1.34 -6.93 0.21
H6 PSU A 5 1.77 -5.29 -3.00
H1' PSU A 5 -1.12 -7.22 -4.39
H2' PSU A 5 -1.75 -4.56 -3.94
HO2' PSU A 5 -3.00 -5.84 -5.32
H3' PSU A 5 0.51 -3.78 -4.56
H4' PSU A 5 0.19 -5.67 -6.91
H5' PSU A 5 2.16 -3.95 -6.73
H5'' PSU A 5 2.57 -5.66 -7.00
N1 PSU A 6 -1.37 -2.95 -0.72
C2 PSU A 6 -1.58 -3.28 0.60
N3 PSU A 6 -2.85 -3.73 0.87
C4 PSU A 6 -3.92 -3.83 0.00
C5 PSU A 6 -3.63 -3.41 -1.40
C6 PSU A 6 -2.37 -2.99 -1.68
O2 PSU A 6 -0.73 -3.16 1.47
O4 PSU A 6 -4.99 -4.21 0.43
C1' PSU A 6 -4.78 -3.36 -2.38
C2' PSU A 6 -5.49 -1.99 -2.30
O2' PSU A 6 -6.88 -2.11 -2.59
C3' PSU A 6 -4.76 -1.20 -3.39
C4' PSU A 6 -4.66 -2.29 -4.46
O3' PSU A 6 -5.55 -0.07 -3.82
O4' PSU A 6 -4.29 -3.50 -3.74
C5' PSU A 6 -3.61 -1.94 -5.53
O5' PSU A 6 -2.27 -1.91 -4.98
P PSU A 6 -0.97 -1.82 -5.89
OP1 PSU A 6 -1.28 -1.19 -7.19
OP2 PSU A 6 0.05 -1.20 -5.01
HN1 PSU A 6 -0.46 -2.60 -0.95
HN3 PSU A 6 -3.04 -3.96 1.82
H6 PSU A 6 -2.08 -2.64 -2.66
H1' PSU A 6 -5.46 -4.17 -2.17
H2' PSU A 6 -5.41 -1.54 -1.32
HO2' PSU A 6 -7.08 -1.55 -3.37
H3' PSU A 6 -3.78 -0.89 -3.06
H4' PSU A 6 -5.62 -2.45 -4.93
H5' PSU A 6 -3.82 -0.97 -5.94
H5'' PSU A 6 -3.63 -2.70 -6.27
C1 ULR C . -2.07 6.98 -0.04
N2 ULR C . -2.46 6.14 1.12
C3 ULR C . -3.51 6.86 1.90
C4 ULR C . -3.02 8.27 2.36
N5 ULR C . -2.42 9.07 1.26
C6 ULR C . -1.45 8.35 0.40
C7 ULR C . 0.90 4.28 2.81
C8 ULR C . 0.52 4.00 1.49
C10 ULR C . -0.66 4.54 0.97
C11 ULR C . -1.47 5.38 1.74
C12 ULR C . -1.16 5.55 3.10
C13 ULR C . 0.05 5.05 3.61
C14 ULR C . -0.07 8.23 1.11
C15 ULR C . 1.04 7.50 0.33
C16 ULR C . 2.21 3.88 3.39
O17 ULR C . 2.80 4.59 4.19
N18 ULR C . 2.75 2.68 3.02
C19 ULR C . 3.92 2.13 3.52
N20 ULR C . 4.74 1.62 2.57
C21 ULR C . 5.94 1.12 2.95
C22 ULR C . 6.28 1.08 4.31
N23 ULR C . 5.43 1.56 5.25
C24 ULR C . 4.21 2.10 4.89
C25 ULR C . 5.93 1.41 6.52
C26 ULR C . 7.16 0.81 6.34
N27 ULR C . 7.39 0.61 4.98
C28 ULR C . 8.05 0.41 7.48
F9 ULR C . 1.31 3.28 0.66
H1A ULR C . -2.96 7.21 -0.63
H1B ULR C . -1.39 6.45 -0.73
H3A ULR C . -3.81 6.26 2.76
H3B ULR C . -4.40 6.99 1.27
H4A ULR C . -2.27 8.13 3.14
H4B ULR C . -3.86 8.79 2.81
H6 ULR C . -1.28 8.94 -0.51
H10 ULR C . -0.89 4.37 -0.09
H12 ULR C . -1.77 6.17 3.74
H13 ULR C . 0.33 5.30 4.64
H14A ULR C . 0.29 9.23 1.35
H14B ULR C . -0.19 7.73 2.09
H15A ULR C . 0.67 6.62 -0.22
H15C ULR C . 1.82 7.15 1.01
H15B ULR C . 1.51 8.17 -0.41
H18 ULR C . 2.23 2.10 2.36
H21 ULR C . 6.61 0.76 2.18
H24 ULR C . 3.55 2.52 5.65
H25 ULR C . 5.39 1.73 7.42
H28B ULR C . 7.49 -0.11 8.26
H28A ULR C . 8.52 1.29 7.94
H28C ULR C . 8.85 -0.26 7.15
H5 ULR C . -1.95 9.89 1.66
H27 ULR C . 8.20 0.15 4.56
N1 PSU A 5 1.31 -5.51 -0.46
C2 PSU A 5 0.57 -6.26 0.43
N3 PSU A 5 -0.46 -6.97 -0.14
C4 PSU A 5 -0.81 -7.00 -1.48
C5 PSU A 5 0.05 -6.19 -2.37
C6 PSU A 5 1.04 -5.45 -1.81
O2 PSU A 5 0.76 -6.23 1.64
O4 PSU A 5 -1.84 -7.59 -1.82
C1' PSU A 5 -0.29 -6.14 -3.86
C2' PSU A 5 -1.03 -4.84 -4.19
O2' PSU A 5 -2.10 -5.11 -5.11
C3' PSU A 5 0.07 -3.95 -4.77
C4' PSU A 5 0.90 -4.99 -5.52
O3' PSU A 5 -0.44 -2.95 -5.68
O4' PSU A 5 0.94 -6.14 -4.63
C5' PSU A 5 2.33 -4.46 -5.78
O5' PSU A 5 3.01 -4.30 -4.50
P PSU A 5 4.53 -3.91 -4.39
OP1 PSU A 5 5.10 -3.29 -5.61
OP2 PSU A 5 4.77 -3.27 -3.08
HN1 PSU A 5 2.06 -5.00 -0.04
HN3 PSU A 5 -1.03 -7.48 0.49
H6 PSU A 5 1.68 -4.80 -2.38
H1' PSU A 5 -0.86 -7.01 -4.14
H2' PSU A 5 -1.49 -4.40 -3.33
HO2' PSU A 5 -2.35 -4.27 -5.54
H3' PSU A 5 0.64 -3.51 -3.99
H4' PSU A 5 0.42 -5.29 -6.43
H5' PSU A 5 2.29 -3.51 -6.26
H5'' PSU A 5 2.87 -5.19 -6.35
N1 PSU A 6 -1.37 -2.98 -0.32
C2 PSU A 6 -1.61 -3.42 0.97
N3 PSU A 6 -2.89 -3.85 1.20
C4 PSU A 6 -3.93 -3.85 0.30
C5 PSU A 6 -3.61 -3.38 -1.06
C6 PSU A 6 -2.34 -2.94 -1.29
O2 PSU A 6 -0.76 -3.36 1.86
O4 PSU A 6 -5.04 -4.21 0.68
C1' PSU A 6 -4.73 -3.32 -2.09
C2' PSU A 6 -5.45 -1.97 -2.00
O2' PSU A 6 -6.84 -2.12 -2.26
C3' PSU A 6 -4.72 -1.18 -3.09
C4' PSU A 6 -4.58 -2.24 -4.17
O3' PSU A 6 -5.46 -0.02 -3.50
O4' PSU A 6 -4.22 -3.45 -3.44
C5' PSU A 6 -3.50 -1.83 -5.18
O5' PSU A 6 -2.25 -1.79 -4.48
P PSU A 6 -0.85 -1.51 -5.16
OP1 PSU A 6 -0.98 -0.67 -6.37
OP2 PSU A 6 0.02 -1.08 -4.04
HN1 PSU A 6 -0.44 -2.65 -0.49
HN3 PSU A 6 -3.10 -4.14 2.13
H6 PSU A 6 -2.03 -2.52 -2.23
H1' PSU A 6 -5.43 -4.13 -1.91
H2' PSU A 6 -5.35 -1.52 -1.03
HO2' PSU A 6 -7.09 -1.60 -3.06
H3' PSU A 6 -3.74 -0.88 -2.72
H4' PSU A 6 -5.53 -2.40 -4.66
H5' PSU A 6 -3.72 -0.85 -5.58
H5'' PSU A 6 -3.44 -2.58 -5.94
C1 ULR C . -2.12 6.80 0.92
N2 ULR C . -2.57 6.02 2.10
C3 ULR C . -3.66 6.75 2.78
C4 ULR C . -3.19 8.17 3.23
N5 ULR C . -2.54 8.96 2.15
C6 ULR C . -1.52 8.19 1.36
C7 ULR C . 0.71 4.25 4.05
C8 ULR C . 0.45 3.98 2.69
C10 ULR C . -0.70 4.46 2.08
C11 ULR C . -1.61 5.27 2.80
C12 ULR C . -1.39 5.46 4.17
C13 ULR C . -0.23 4.99 4.78
C14 ULR C . -0.19 8.11 2.16
C15 ULR C . 0.97 7.34 1.49
C16 ULR C . 1.98 3.85 4.74
O17 ULR C . 2.42 4.53 5.65
N18 ULR C . 2.60 2.71 4.35
C19 ULR C . 3.74 2.15 4.94
N20 ULR C . 4.64 1.64 4.06
C21 ULR C . 5.78 1.11 4.56
C22 ULR C . 6.00 1.07 5.95
N23 ULR C . 5.07 1.57 6.80
C24 ULR C . 3.91 2.13 6.33
C25 ULR C . 5.49 1.55 8.11
C26 ULR C . 6.73 0.94 8.06
N27 ULR C . 7.06 0.65 6.73
C28 ULR C . 7.57 0.67 9.27
F9 ULR C . 1.35 3.33 1.91
H1A ULR C . -2.98 6.99 0.28
H1B ULR C . -1.40 6.26 0.31
H3A ULR C . -4.03 6.18 3.65
H3B ULR C . -4.51 6.86 2.10
H4A ULR C . -2.49 8.06 4.06
H4B ULR C . -4.06 8.72 3.62
H6 ULR C . -1.30 8.74 0.44
H10 ULR C . -0.86 4.28 1.03
H12 ULR C . -2.07 6.05 4.77
H13 ULR C . -0.06 5.22 5.82
H14A ULR C . 0.16 9.13 2.35
H14B ULR C . -0.37 7.67 3.15
H15A ULR C . 1.55 8.00 0.83
H15C ULR C . 0.63 6.48 0.90
H15B ULR C . 1.65 6.95 2.25
H18 ULR C . 2.18 2.16 3.61
H21 ULR C . 6.51 0.72 3.85
H24 ULR C . 3.19 2.56 7.03
H25 ULR C . 4.90 1.93 8.93
H28B ULR C . 8.14 1.56 9.57
H28A ULR C . 8.30 -0.13 9.07
H28C ULR C . 6.96 0.36 10.12
H5 ULR C . -2.09 9.78 2.56
H27 ULR C . 7.93 0.21 6.42
N1 PSU A 5 1.51 -6.46 -1.29
C2 PSU A 5 0.67 -6.72 -0.23
N3 PSU A 5 -0.61 -7.08 -0.57
C4 PSU A 5 -1.10 -7.21 -1.86
C5 PSU A 5 -0.14 -6.96 -2.95
C6 PSU A 5 1.12 -6.57 -2.61
O2 PSU A 5 0.99 -6.56 0.96
O4 PSU A 5 -2.30 -7.43 -2.00
C1' PSU A 5 -0.65 -7.04 -4.37
C2' PSU A 5 -1.32 -5.72 -4.77
O2' PSU A 5 -2.45 -5.98 -5.61
C3' PSU A 5 -0.18 -5.00 -5.50
C4' PSU A 5 0.41 -6.18 -6.27
O3' PSU A 5 -0.67 -3.92 -6.33
O4' PSU A 5 0.42 -7.27 -5.32
C5' PSU A 5 1.83 -5.86 -6.76
O5' PSU A 5 2.71 -5.61 -5.63
P PSU A 5 4.26 -5.27 -5.79
OP1 PSU A 5 4.44 -4.51 -7.06
OP2 PSU A 5 4.74 -4.55 -4.59
HN1 PSU A 5 2.40 -6.09 -1.02
HN3 PSU A 5 -1.27 -7.23 0.16
H6 PSU A 5 1.86 -6.30 -3.35
H1' PSU A 5 -1.35 -7.86 -4.43
H2' PSU A 5 -1.68 -5.16 -3.92
HO2' PSU A 5 -2.52 -5.28 -6.31
H3' PSU A 5 0.55 -4.64 -4.79
H4' PSU A 5 -0.23 -6.44 -7.10
H5' PSU A 5 1.80 -4.98 -7.39
H5'' PSU A 5 2.21 -6.71 -7.30
N1 PSU A 6 -1.35 -3.72 -0.35
C2 PSU A 6 -1.62 -3.96 0.99
N3 PSU A 6 -2.94 -4.17 1.27
C4 PSU A 6 -3.99 -4.15 0.39
C5 PSU A 6 -3.64 -3.89 -1.02
C6 PSU A 6 -2.34 -3.68 -1.32
O2 PSU A 6 -0.77 -3.96 1.86
O4 PSU A 6 -5.13 -4.30 0.83
C1' PSU A 6 -4.78 -3.80 -2.01
C2' PSU A 6 -5.36 -2.38 -2.01
O2' PSU A 6 -6.78 -2.43 -2.25
C3' PSU A 6 -4.61 -1.72 -3.16
C4' PSU A 6 -4.59 -2.88 -4.15
O3' PSU A 6 -5.33 -0.58 -3.67
O4' PSU A 6 -4.28 -4.05 -3.36
C5' PSU A 6 -3.56 -2.64 -5.26
O5' PSU A 6 -2.20 -2.67 -4.75
P PSU A 6 -0.95 -2.49 -5.71
OP1 PSU A 6 -1.25 -1.48 -6.76
OP2 PSU A 6 0.16 -2.15 -4.79
HN1 PSU A 6 -0.38 -3.56 -0.58
HN3 PSU A 6 -3.17 -4.34 2.22
H6 PSU A 6 -1.99 -3.43 -2.32
H1' PSU A 6 -5.53 -4.53 -1.78
H2' PSU A 6 -5.23 -1.88 -1.08
HO2' PSU A 6 -7.03 -1.69 -2.83
H3' PSU A 6 -3.60 -1.45 -2.87
H4' PSU A 6 -5.56 -3.02 -4.58
H5' PSU A 6 -3.74 -1.67 -5.70
H5'' PSU A 6 -3.65 -3.43 -5.99
C1 ULR C . -2.24 6.56 0.68
N2 ULR C . -2.50 5.62 1.81
C3 ULR C . -3.60 6.18 2.64
C4 ULR C . -3.24 7.59 3.19
N5 ULR C . -2.71 8.53 2.16
C6 ULR C . -1.72 7.94 1.21
C7 ULR C . 1.07 3.99 3.30
C8 ULR C . 0.68 3.74 1.97
C10 ULR C . -0.57 4.21 1.51
C11 ULR C . -1.42 4.92 2.35
C12 ULR C . -1.09 5.04 3.71
C13 ULR C . 0.16 4.60 4.18
C14 ULR C . -0.33 7.91 1.89
C15 ULR C . 0.81 7.26 1.05
C16 ULR C . 2.43 3.68 3.82
O17 ULR C . 2.97 4.41 4.63
N18 ULR C . 3.03 2.53 3.39
C19 ULR C . 4.25 2.05 3.84
N20 ULR C . 5.09 1.68 2.84
C21 ULR C . 6.30 1.20 3.18
C22 ULR C . 6.68 1.13 4.54
N23 ULR C . 5.83 1.52 5.50
C24 ULR C . 4.57 2.00 5.19
C25 ULR C . 6.40 1.47 6.75
C26 ULR C . 7.67 0.98 6.52
N27 ULR C . 7.87 0.78 5.16
C28 ULR C . 8.67 0.72 7.62
F9 ULR C . 1.51 3.15 1.09
H1A ULR C . -3.18 6.74 0.14
H1B ULR C . -1.56 6.14 -0.05
H3A ULR C . -3.82 5.49 3.46
H3B ULR C . -4.50 6.26 2.04
H4A ULR C . -2.49 7.49 3.99
H4B ULR C . -4.13 8.03 3.65
H6 ULR C . -1.63 8.61 0.34
H10 ULR C . -0.82 4.07 0.47
H12 ULR C . -1.75 5.54 4.41
H13 ULR C . 0.44 4.77 5.22
H14A ULR C . -0.03 8.94 2.13
H14B ULR C . -0.38 7.40 2.85
H15A ULR C . 1.61 6.90 1.71
H15C ULR C . 1.24 8.00 0.36
H15B ULR C . 0.46 6.41 0.47
H18 ULR C . 2.53 1.94 2.74
H21 ULR C . 6.98 0.89 2.38
H24 ULR C . 3.91 2.36 5.98
H25 ULR C . 5.90 1.77 7.66
H28B ULR C . 9.57 0.22 7.23
H28A ULR C . 8.24 0.10 8.41
H28C ULR C . 9.00 1.65 8.08
H5 ULR C . -2.25 9.29 2.67
H27 ULR C . 8.74 0.53 4.68
N1 PSU A 5 1.59 -5.87 -0.36
C2 PSU A 5 0.76 -6.41 0.60
N3 PSU A 5 -0.46 -6.81 0.12
C4 PSU A 5 -0.90 -6.77 -1.19
C5 PSU A 5 0.08 -6.25 -2.17
C6 PSU A 5 1.26 -5.78 -1.69
O2 PSU A 5 1.04 -6.49 1.79
O4 PSU A 5 -2.07 -7.07 -1.42
C1' PSU A 5 -0.30 -6.24 -3.65
C2' PSU A 5 -0.96 -4.92 -4.06
O2' PSU A 5 -1.95 -5.15 -5.06
C3' PSU A 5 0.22 -4.10 -4.61
C4' PSU A 5 0.94 -5.22 -5.36
O3' PSU A 5 -0.24 -3.04 -5.51
O4' PSU A 5 0.89 -6.37 -4.47
C5' PSU A 5 2.39 -4.83 -5.66
O5' PSU A 5 3.14 -4.74 -4.42
P PSU A 5 4.71 -4.48 -4.38
OP1 PSU A 5 5.11 -3.66 -5.55
OP2 PSU A 5 5.03 -3.89 -3.06
HN1 PSU A 5 2.51 -5.61 -0.02
HN3 PSU A 5 -1.10 -7.17 0.80
H6 PSU A 5 2.01 -5.34 -2.33
H1' PSU A 5 -0.96 -7.07 -3.86
H2' PSU A 5 -1.44 -4.44 -3.23
HO2' PSU A 5 -2.13 -4.30 -5.49
H3' PSU A 5 0.82 -3.70 -3.82
H4' PSU A 5 0.42 -5.46 -6.27
H5' PSU A 5 2.41 -3.87 -6.15
H5'' PSU A 5 2.84 -5.59 -6.28
N1 PSU A 6 -1.84 -3.42 -0.29
C2 PSU A 6 -2.13 -4.00 0.92
N3 PSU A 6 -3.38 -4.58 0.99
C4 PSU A 6 -4.31 -4.64 -0.02
C5 PSU A 6 -3.94 -3.98 -1.29
C6 PSU A 6 -2.75 -3.36 -1.34
O2 PSU A 6 -1.33 -4.03 1.84
O4 PSU A 6 -5.38 -5.20 0.20
C1' PSU A 6 -4.95 -3.95 -2.43
C2' PSU A 6 -5.81 -2.68 -2.37
O2' PSU A 6 -7.10 -2.93 -2.92
C3' PSU A 6 -4.98 -1.73 -3.24
C4' PSU A 6 -4.62 -2.68 -4.39
O3' PSU A 6 -5.78 -0.61 -3.67
O4' PSU A 6 -4.27 -3.92 -3.72
C5' PSU A 6 -3.46 -2.13 -5.23
O5' PSU A 6 -2.26 -2.07 -4.41
P PSU A 6 -0.83 -1.67 -4.96
OP1 PSU A 6 -1.02 -0.73 -6.09
OP2 PSU A 6 -0.05 -1.21 -3.79
HN1 PSU A 6 -0.95 -2.98 -0.34
HN3 PSU A 6 -3.64 -4.93 1.88
H6 PSU A 6 -2.41 -2.79 -2.19
H1' PSU A 6 -5.57 -4.83 -2.39
H2' PSU A 6 -5.95 -2.31 -1.37
HO2' PSU A 6 -7.44 -2.11 -3.30
H3' PSU A 6 -4.10 -1.40 -2.72
H4' PSU A 6 -5.48 -2.85 -5.01
H5' PSU A 6 -3.70 -1.14 -5.58
H5'' PSU A 6 -3.27 -2.80 -6.04
C1 ULR C . -2.18 6.75 0.34
N2 ULR C . -2.42 5.90 1.54
C3 ULR C . -3.45 6.55 2.37
C4 ULR C . -3.01 7.99 2.81
N5 ULR C . -2.50 8.84 1.70
C6 ULR C . -1.60 8.15 0.74
C7 ULR C . 1.18 4.26 3.01
C8 ULR C . 0.72 3.94 1.72
C10 ULR C . -0.52 4.41 1.27
C11 ULR C . -1.33 5.21 2.09
C12 ULR C . -0.92 5.43 3.42
C13 ULR C . 0.33 5.00 3.86
C14 ULR C . -0.14 8.11 1.28
C15 ULR C . 0.89 7.42 0.36
C16 ULR C . 2.53 3.90 3.52
O17 ULR C . 3.07 4.60 4.37
N18 ULR C . 3.14 2.77 3.05
C19 ULR C . 4.39 2.30 3.44
N20 ULR C . 5.19 1.93 2.41
C21 ULR C . 6.45 1.50 2.72
C22 ULR C . 6.88 1.45 4.05
N23 ULR C . 6.03 1.79 5.06
C24 ULR C . 4.75 2.22 4.79
C25 ULR C . 6.61 1.64 6.30
C26 ULR C . 7.89 1.17 6.02
N27 ULR C . 8.07 1.08 4.65
C28 ULR C . 8.92 0.85 7.07
F9 ULR C . 1.48 3.23 0.85
H1A ULR C . -3.13 6.92 -0.16
H1B ULR C . -1.53 6.25 -0.39
H3A ULR C . -3.66 5.94 3.26
H3B ULR C . -4.39 6.63 1.80
H4A ULR C . -2.25 7.91 3.57
H4B ULR C . -3.88 8.48 3.26
H6 ULR C . -1.55 8.75 -0.19
H10 ULR C . -0.82 4.21 0.26
H12 ULR C . -1.52 6.01 4.11
H13 ULR C . 0.67 5.25 4.88
H14A ULR C . 0.20 9.13 1.47
H14B ULR C . -0.13 7.62 2.26
H15A ULR C . 1.23 8.10 -0.43
H15C ULR C . 0.51 6.51 -0.13
H15B ULR C . 1.77 7.11 0.93
H18 ULR C . 2.67 2.23 2.34
H21 ULR C . 7.10 1.22 1.90
H24 ULR C . 4.09 2.52 5.60
H25 ULR C . 6.11 1.85 7.23
H28B ULR C . 8.46 0.39 7.95
H28A ULR C . 9.46 1.74 7.39
H28C ULR C . 9.66 0.15 6.68
H5 ULR C . -1.98 9.64 2.09
H27 ULR C . 8.94 0.79 4.19
N1 PSU A 5 2.35 -5.41 -0.30
C2 PSU A 5 1.56 -5.84 0.75
N3 PSU A 5 0.41 -6.47 0.36
C4 PSU A 5 -0.03 -6.69 -0.93
C5 PSU A 5 0.85 -6.15 -1.99
C6 PSU A 5 2.00 -5.52 -1.63
O2 PSU A 5 1.88 -5.73 1.92
O4 PSU A 5 -1.10 -7.26 -1.10
C1' PSU A 5 0.32 -6.19 -3.42
C2' PSU A 5 -0.46 -4.92 -3.71
O2' PSU A 5 -1.70 -5.26 -4.33
C3' PSU A 5 0.46 -4.10 -4.62
C4' PSU A 5 1.16 -5.22 -5.39
O3' PSU A 5 -0.28 -3.21 -5.51
O4' PSU A 5 1.40 -6.25 -4.39
C5' PSU A 5 2.48 -4.73 -6.01
O5' PSU A 5 3.47 -4.57 -4.95
P PSU A 5 5.03 -4.37 -5.20
OP1 PSU A 5 5.24 -3.56 -6.43
OP2 PSU A 5 5.49 -3.85 -3.90
HN1 PSU A 5 3.21 -4.98 -0.03
HN3 PSU A 5 -0.21 -6.78 1.08
H6 PSU A 5 2.65 -5.04 -2.35
H1' PSU A 5 -0.30 -7.07 -3.54
H2' PSU A 5 -0.70 -4.38 -2.82
HO2' PSU A 5 -2.35 -4.56 -4.12
H3' PSU A 5 1.19 -3.54 -4.04
H4' PSU A 5 0.50 -5.61 -6.13
H5' PSU A 5 2.34 -3.80 -6.49
H5'' PSU A 5 2.84 -5.49 -6.69
N1 PSU A 6 -1.09 -3.08 0.09
C2 PSU A 6 -1.21 -3.50 1.42
N3 PSU A 6 -2.41 -4.07 1.73
C4 PSU A 6 -3.49 -4.23 0.87
C5 PSU A 6 -3.28 -3.83 -0.53
C6 PSU A 6 -2.10 -3.23 -0.83
O2 PSU A 6 -0.32 -3.33 2.25
O4 PSU A 6 -4.55 -4.65 1.34
C1' PSU A 6 -4.41 -4.04 -1.53
C2' PSU A 6 -5.37 -2.84 -1.55
O2' PSU A 6 -6.71 -3.24 -1.82
C3' PSU A 6 -4.78 -2.00 -2.69
C4' PSU A 6 -4.45 -3.11 -3.68
O3' PSU A 6 -5.75 -1.09 -3.24
O4' PSU A 6 -3.87 -4.16 -2.88
C5' PSU A 6 -3.49 -2.60 -4.76
O5' PSU A 6 -2.21 -2.31 -4.16
P PSU A 6 -0.93 -1.87 -4.99
OP1 PSU A 6 -1.34 -1.11 -6.19
OP2 PSU A 6 -0.03 -1.20 -4.03
HN1 PSU A 6 -0.19 -2.69 -0.15
HN3 PSU A 6 -2.55 -4.34 2.68
H6 PSU A 6 -1.87 -2.83 -1.81
H1' PSU A 6 -4.94 -4.95 -1.29
H2' PSU A 6 -5.40 -2.33 -0.62
HO2' PSU A 6 -7.07 -2.65 -2.51
H3' PSU A 6 -3.90 -1.50 -2.35
H4' PSU A 6 -5.35 -3.49 -4.13
H5' PSU A 6 -3.87 -1.70 -5.21
H5'' PSU A 6 -3.34 -3.38 -5.49
C1 ULR C . -3.16 7.38 0.93
N2 ULR C . -3.50 6.54 2.13
C3 ULR C . -4.38 7.33 3.03
C4 ULR C . -3.70 8.66 3.47
N5 ULR C . -3.17 9.46 2.33
C6 ULR C . -2.37 8.67 1.35
C7 ULR C . -0.16 4.34 3.45
C8 ULR C . -0.68 4.14 2.16
C10 ULR C . -1.84 4.81 1.75
C11 ULR C . -2.52 5.68 2.63
C12 ULR C . -2.07 5.76 3.96
C13 ULR C . -0.88 5.12 4.35
C14 ULR C . -0.94 8.41 1.89
C15 ULR C . -0.01 7.63 0.93
C16 ULR C . 1.17 3.82 3.90
O17 ULR C . 1.78 4.39 4.79
N18 ULR C . 1.67 2.70 3.29
C19 ULR C . 2.87 2.07 3.61
N20 ULR C . 3.53 1.56 2.55
C21 ULR C . 4.71 0.94 2.77
C22 ULR C . 5.21 0.81 4.08
N23 ULR C . 4.50 1.30 5.13
C24 ULR C . 3.31 1.94 4.94
C25 ULR C . 5.06 0.97 6.34
C26 ULR C . 6.23 0.29 6.00
N27 ULR C . 6.33 0.20 4.61
C28 ULR C . 7.19 -0.24 7.03
F9 ULR C . -0.04 3.39 1.24
H1A ULR C . -4.09 7.70 0.46
H1B ULR C . -2.61 6.82 0.17
H3A ULR C . -4.67 6.75 3.90
H3B ULR C . -5.30 7.57 2.49
H4A ULR C . -2.89 8.44 4.16
H4B ULR C . -4.45 9.26 4.03
H6 ULR C . -2.26 9.28 0.44
H10 ULR C . -2.18 4.70 0.73
H12 ULR C . -2.56 6.40 4.68
H13 ULR C . -0.52 5.29 5.37
H14A ULR C . -0.46 9.37 2.12
H14B ULR C . -0.99 7.89 2.85
H15A ULR C . 0.35 8.27 0.12
H15C ULR C . -0.50 6.76 0.49
H15B ULR C . 0.87 7.25 1.48
H18 ULR C . 1.16 2.33 2.51
H21 ULR C . 5.26 0.55 1.92
H24 ULR C . 2.78 2.35 5.79
H25 ULR C . 4.62 1.23 7.29
H28B ULR C . 6.66 -0.65 7.89
H28A ULR C . 7.87 0.55 7.38
H28C ULR C . 7.81 -1.04 6.60
H5 ULR C . -2.58 10.19 2.74
H27 ULR C . 7.10 -0.24 4.11
N1 PSU A 5 1.90 -5.53 -0.21
C2 PSU A 5 1.00 -6.12 0.66
N3 PSU A 5 -0.19 -6.50 0.08
C4 PSU A 5 -0.53 -6.39 -1.25
C5 PSU A 5 0.53 -5.88 -2.13
C6 PSU A 5 1.68 -5.43 -1.57
O2 PSU A 5 1.25 -6.32 1.83
O4 PSU A 5 -1.68 -6.62 -1.58
C1' PSU A 5 0.23 -5.82 -3.62
C2' PSU A 5 -0.46 -4.51 -3.97
O2' PSU A 5 -1.47 -4.74 -4.96
C3' PSU A 5 0.71 -3.64 -4.46
C4' PSU A 5 1.52 -4.68 -5.22
O3' PSU A 5 0.29 -2.58 -5.34
O4' PSU A 5 1.45 -5.88 -4.40
C5' PSU A 5 2.98 -4.23 -5.39
O5' PSU A 5 3.62 -4.28 -4.09
P PSU A 5 5.17 -4.11 -3.85
OP1 PSU A 5 5.84 -3.15 -4.74
OP2 PSU A 5 5.40 -4.02 -2.39
HN1 PSU A 5 2.77 -5.25 0.20
HN3 PSU A 5 -0.88 -6.90 0.67
H6 PSU A 5 2.48 -4.99 -2.13
H1' PSU A 5 -0.38 -6.66 -3.88
H2' PSU A 5 -0.95 -4.07 -3.12
HO2' PSU A 5 -2.15 -4.04 -4.87
H3' PSU A 5 1.27 -3.25 -3.63
H4' PSU A 5 1.06 -4.88 -6.18
H5' PSU A 5 3.03 -3.22 -5.78
H5'' PSU A 5 3.49 -4.93 -6.04
N1 PSU A 6 -1.19 -3.00 0.05
C2 PSU A 6 -1.53 -3.66 1.22
N3 PSU A 6 -2.78 -4.24 1.22
C4 PSU A 6 -3.69 -4.20 0.19
C5 PSU A 6 -3.26 -3.48 -1.04
C6 PSU A 6 -2.04 -2.88 -1.03
O2 PSU A 6 -0.74 -3.79 2.16
O4 PSU A 6 -4.80 -4.69 0.39
C1' PSU A 6 -4.24 -3.39 -2.20
C2' PSU A 6 -5.10 -2.13 -2.09
O2' PSU A 6 -6.44 -2.38 -2.53
C3' PSU A 6 -4.39 -1.14 -3.03
C4' PSU A 6 -3.97 -2.10 -4.14
O3' PSU A 6 -5.32 -0.14 -3.51
O4' PSU A 6 -3.53 -3.30 -3.46
C5' PSU A 6 -2.82 -1.50 -4.98
O5' PSU A 6 -1.62 -1.45 -4.19
P PSU A 6 -0.19 -1.18 -4.80
OP1 PSU A 6 -0.22 -0.35 -6.03
OP2 PSU A 6 0.71 -0.76 -3.70
HN1 PSU A 6 -0.29 -2.57 0.08
HN3 PSU A 6 -3.06 -4.68 2.06
H6 PSU A 6 -1.67 -2.29 -1.86
H1' PSU A 6 -4.87 -4.28 -2.22
H2' PSU A 6 -5.18 -1.76 -1.09
HO2' PSU A 6 -6.67 -1.70 -3.20
H3' PSU A 6 -3.53 -0.68 -2.55
H4' PSU A 6 -4.80 -2.34 -4.77
H5' PSU A 6 -3.07 -0.50 -5.29
H5'' PSU A 6 -2.63 -2.14 -5.82
C1 ULR C . -2.46 6.85 0.56
N2 ULR C . -2.66 5.92 1.70
C3 ULR C . -3.53 6.57 2.70
C4 ULR C . -2.93 7.93 3.19
N5 ULR C . -2.48 8.83 2.09
C6 ULR C . -1.72 8.16 0.99
C7 ULR C . 0.88 3.89 2.70
C8 ULR C . 0.30 3.71 1.42
C10 ULR C . -0.94 4.30 1.13
C11 ULR C . -1.60 5.09 2.07
C12 ULR C . -1.07 5.16 3.37
C13 ULR C . 0.17 4.60 3.66
C14 ULR C . -0.23 7.96 1.42
C15 ULR C . 0.67 7.26 0.38
C16 ULR C . 2.25 3.42 3.07
O17 ULR C . 2.85 3.98 3.96
N18 ULR C . 2.79 2.35 2.42
C19 ULR C . 4.04 1.82 2.66
N20 ULR C . 4.72 1.46 1.55
C21 ULR C . 5.94 0.90 1.70
C22 ULR C . 6.48 0.74 2.98
N23 ULR C . 5.79 1.10 4.08
C24 ULR C . 4.53 1.64 3.97
C25 ULR C . 6.47 0.85 5.24
C26 ULR C . 7.66 0.27 4.82
N27 ULR C . 7.67 0.19 3.42
C28 ULR C . 8.74 -0.16 5.76
F9 ULR C . 0.94 3.05 0.44
H1A ULR C . -3.44 7.15 0.17
H1B ULR C . -1.94 6.36 -0.28
H3A ULR C . -3.70 5.91 3.56
H3B ULR C . -4.51 6.76 2.25
H4A ULR C . -2.09 7.72 3.86
H4B ULR C . -3.68 8.43 3.81
H6 ULR C . -1.71 8.83 0.13
H10 ULR C . -1.34 4.21 0.12
H12 ULR C . -1.57 5.72 4.16
H13 ULR C . 0.58 4.77 4.66
H14A ULR C . 0.20 8.94 1.65
H14B ULR C . -0.19 7.41 2.36
H15A ULR C . 1.56 6.85 0.88
H15C ULR C . 1.00 7.97 -0.39
H15B ULR C . 0.18 6.42 -0.12
H18 ULR C . 2.27 1.93 1.66
H21 ULR C . 6.47 0.58 0.81
H24 ULR C . 3.98 1.90 4.86
H25 ULR C . 6.09 1.08 6.23
H28B ULR C . 9.40 -0.89 5.29
H28A ULR C . 8.32 -0.63 6.67
H28C ULR C . 9.34 0.70 6.08
H5 ULR C . -1.89 9.58 2.50
H27 ULR C . 8.44 -0.14 2.83
#